data_2MAI
#
_entry.id   2MAI
#
_entity_poly.entity_id   1
_entity_poly.type   'polypeptide(L)'
_entity_poly.pdbx_seq_one_letter_code
;GLRRLFANQLVGRRN(ILM)
;
_entity_poly.pdbx_strand_id   A
#
# COMPACT_ATOMS: atom_id res chain seq x y z
CA GLY A 1 -3.52 0.18 -1.55
C GLY A 1 -2.12 -0.01 -2.11
N LEU A 2 -1.25 0.96 -1.86
CA LEU A 2 0.12 0.90 -2.33
C LEU A 2 1.04 0.29 -1.28
N ARG A 3 2.33 0.24 -1.58
CA ARG A 3 3.31 -0.32 -0.67
C ARG A 3 4.09 0.78 0.04
N ARG A 4 5.00 1.43 -0.68
CA ARG A 4 5.80 2.50 -0.12
C ARG A 4 5.10 3.84 -0.28
N LEU A 5 4.59 4.10 -1.48
CA LEU A 5 3.90 5.36 -1.76
C LEU A 5 2.81 5.62 -0.72
N PHE A 6 2.16 4.56 -0.26
CA PHE A 6 1.10 4.67 0.74
C PHE A 6 0.54 3.31 1.10
N ALA A 7 0.92 2.81 2.27
CA ALA A 7 0.44 1.51 2.73
C ALA A 7 -1.01 1.59 3.20
N ASN A 8 -1.82 0.63 2.77
CA ASN A 8 -3.23 0.59 3.15
C ASN A 8 -3.41 -0.07 4.52
N GLN A 9 -4.30 0.49 5.32
CA GLN A 9 -4.55 -0.04 6.65
C GLN A 9 -5.02 -1.49 6.57
N LEU A 10 -6.16 -1.71 5.93
CA LEU A 10 -6.72 -3.06 5.79
C LEU A 10 -5.80 -3.94 4.95
N VAL A 11 -5.68 -3.60 3.66
CA VAL A 11 -4.83 -4.37 2.76
C VAL A 11 -4.49 -3.55 1.51
N GLY A 12 -3.34 -3.84 0.92
CA GLY A 12 -2.92 -3.13 -0.27
C GLY A 12 -1.61 -3.66 -0.84
N ARG A 13 -0.57 -2.84 -0.80
CA ARG A 13 0.73 -3.24 -1.32
C ARG A 13 0.61 -3.75 -2.75
N ARG A 14 0.03 -2.92 -3.62
CA ARG A 14 -0.14 -3.29 -5.02
C ARG A 14 1.00 -2.76 -5.87
N ASN A 15 1.54 -1.61 -5.47
CA ASN A 15 2.65 -1.00 -6.19
C ASN A 15 3.41 -0.01 -5.31
C ILM A 16 5.61 2.31 -5.36
N ILM A 16 4.75 0.05 -5.50
O ILM A 16 4.97 3.22 -4.91
OXT ILM A 16 6.28 2.73 -6.43
CA ILM A 16 5.56 0.95 -4.70
CB ILM A 16 6.97 0.41 -4.56
CD1 ILM A 16 8.31 -1.59 -3.90
CE1 ILM A 16 6.15 4.06 -6.86
CG1 ILM A 16 6.93 -0.94 -3.86
CG2 ILM A 16 7.82 1.37 -3.75
HA ILM A 16 5.10 1.05 -3.68
HB ILM A 16 7.42 0.28 -5.57
HD1 ILM A 16 8.69 -1.71 -2.86
HE1 ILM A 16 5.10 4.25 -7.20
HD1A ILM A 16 9.00 -0.94 -4.48
HE1A ILM A 16 6.40 4.75 -6.03
HG1 ILM A 16 6.20 -1.61 -4.37
HD1B ILM A 16 8.24 -2.59 -4.39
HE1B ILM A 16 6.85 4.24 -7.71
HG1A ILM A 16 6.62 -0.80 -2.80
HG2 ILM A 16 8.62 1.78 -4.40
HG2A ILM A 16 7.18 2.21 -3.38
HG2B ILM A 16 8.27 0.84 -2.89
H ILM A 16 5.16 -0.55 -6.20
CA GLY A 1 -3.24 -0.03 -1.69
C GLY A 1 -1.88 0.37 -2.24
N LEU A 2 -0.94 0.65 -1.34
CA LEU A 2 0.40 1.04 -1.74
C LEU A 2 1.45 0.37 -0.85
N ARG A 3 2.69 0.36 -1.33
CA ARG A 3 3.78 -0.26 -0.59
C ARG A 3 4.69 0.80 0.02
N ARG A 4 5.50 1.44 -0.81
CA ARG A 4 6.42 2.47 -0.35
C ARG A 4 5.73 3.83 -0.32
N LEU A 5 4.99 4.15 -1.38
CA LEU A 5 4.28 5.41 -1.46
C LEU A 5 3.43 5.65 -0.22
N PHE A 6 2.82 4.58 0.28
CA PHE A 6 1.97 4.66 1.46
C PHE A 6 1.47 3.28 1.87
N ALA A 7 0.80 3.21 3.02
CA ALA A 7 0.27 1.95 3.52
C ALA A 7 -1.25 2.00 3.59
N ASN A 8 -1.89 0.87 3.29
CA ASN A 8 -3.34 0.77 3.33
C ASN A 8 -3.82 0.18 4.64
N GLN A 9 -4.91 0.74 5.19
CA GLN A 9 -5.46 0.26 6.44
C GLN A 9 -5.85 -1.20 6.35
N LEU A 10 -6.92 -1.49 5.61
CA LEU A 10 -7.40 -2.85 5.44
C LEU A 10 -6.32 -3.72 4.79
N VAL A 11 -6.02 -3.43 3.53
CA VAL A 11 -5.00 -4.19 2.80
C VAL A 11 -4.36 -3.34 1.71
N GLY A 12 -3.06 -3.53 1.53
CA GLY A 12 -2.34 -2.76 0.52
C GLY A 12 -1.03 -3.42 0.11
N ARG A 13 0.00 -2.61 -0.06
CA ARG A 13 1.31 -3.13 -0.45
C ARG A 13 1.24 -3.86 -1.78
N ARG A 14 0.81 -3.17 -2.83
CA ARG A 14 0.68 -3.77 -4.15
C ARG A 14 1.62 -3.08 -5.15
N ASN A 15 1.79 -1.77 -4.99
CA ASN A 15 2.65 -1.00 -5.87
C ASN A 15 3.48 0.00 -5.08
C ILM A 16 5.39 2.56 -5.40
N ILM A 16 4.75 0.23 -5.54
O ILM A 16 4.75 3.37 -4.76
OXT ILM A 16 5.78 3.12 -6.55
CA ILM A 16 5.61 1.17 -4.84
CB ILM A 16 7.07 0.77 -5.06
CD1 ILM A 16 8.67 -1.12 -4.92
CE1 ILM A 16 5.43 4.45 -6.83
CG1 ILM A 16 7.31 -0.61 -4.46
CG2 ILM A 16 7.98 1.78 -4.37
HA ILM A 16 5.38 1.16 -3.76
HB ILM A 16 7.29 0.75 -6.15
HD1 ILM A 16 8.88 -2.10 -4.42
HE1 ILM A 16 4.34 4.52 -7.02
HD1A ILM A 16 9.46 -0.39 -4.63
HE1A ILM A 16 5.70 5.10 -5.97
HG1 ILM A 16 6.51 -1.31 -4.82
HD1B ILM A 16 8.67 -1.26 -6.02
HE1B ILM A 16 5.99 4.79 -7.73
HG1A ILM A 16 7.28 -0.55 -3.35
HG2 ILM A 16 8.62 2.28 -5.13
HG2A ILM A 16 7.36 2.55 -3.85
HG2B ILM A 16 8.62 1.26 -3.62
H ILM A 16 5.04 -0.28 -6.36
CA GLY A 1 -3.25 0.00 -1.60
C GLY A 1 -1.91 0.30 -2.25
N LEU A 2 -1.00 0.86 -1.47
CA LEU A 2 0.34 1.19 -1.98
C LEU A 2 1.41 0.50 -1.16
N ARG A 3 2.62 0.43 -1.72
CA ARG A 3 3.74 -0.21 -1.05
C ARG A 3 4.60 0.82 -0.32
N ARG A 4 5.38 1.58 -1.09
CA ARG A 4 6.25 2.60 -0.52
C ARG A 4 5.57 3.97 -0.55
N LEU A 5 4.94 4.29 -1.68
CA LEU A 5 4.25 5.57 -1.83
C LEU A 5 3.29 5.82 -0.68
N PHE A 6 2.75 4.73 -0.12
CA PHE A 6 1.82 4.84 0.99
C PHE A 6 1.41 3.45 1.49
N ALA A 7 0.76 3.41 2.65
CA ALA A 7 0.32 2.15 3.24
C ALA A 7 -1.19 2.12 3.40
N ASN A 8 -1.79 0.95 3.16
CA ASN A 8 -3.23 0.79 3.28
C ASN A 8 -3.61 0.17 4.62
N GLN A 9 -4.68 0.68 5.22
CA GLN A 9 -5.13 0.17 6.51
C GLN A 9 -5.46 -1.31 6.43
N LEU A 10 -6.57 -1.64 5.78
CA LEU A 10 -6.99 -3.03 5.63
C LEU A 10 -5.93 -3.83 4.89
N VAL A 11 -5.71 -3.50 3.63
CA VAL A 11 -4.71 -4.19 2.82
C VAL A 11 -4.27 -3.33 1.64
N GLY A 12 -3.03 -3.53 1.20
CA GLY A 12 -2.50 -2.76 0.09
C GLY A 12 -1.19 -3.31 -0.42
N ARG A 13 -0.15 -2.47 -0.41
CA ARG A 13 1.16 -2.88 -0.89
C ARG A 13 1.08 -3.49 -2.27
N ARG A 14 0.79 -2.66 -3.27
CA ARG A 14 0.67 -3.12 -4.65
C ARG A 14 1.87 -2.66 -5.47
N ASN A 15 2.03 -1.35 -5.60
CA ASN A 15 3.13 -0.78 -6.36
C ASN A 15 3.97 0.16 -5.49
C ILM A 16 6.20 2.46 -5.63
N ILM A 16 5.30 0.21 -5.77
O ILM A 16 5.62 3.37 -5.09
OXT ILM A 16 6.77 2.90 -6.75
CA ILM A 16 6.18 1.09 -5.00
CB ILM A 16 7.58 0.51 -4.99
CD1 ILM A 16 8.90 -1.56 -4.58
CE1 ILM A 16 6.64 4.25 -7.12
CG1 ILM A 16 7.58 -0.85 -4.31
CG2 ILM A 16 8.51 1.46 -4.24
HA ILM A 16 5.80 1.16 -3.96
HB ILM A 16 7.94 0.39 -6.04
HD1 ILM A 16 8.81 -2.62 -4.25
HE1 ILM A 16 7.12 4.41 -8.12
HD1A ILM A 16 9.71 -1.06 -4.03
HE1A ILM A 16 5.56 4.52 -7.17
HG1 ILM A 16 6.73 -1.46 -4.71
HD1B ILM A 16 9.11 -1.54 -5.68
HE1B ILM A 16 7.15 4.90 -6.37
HG1A ILM A 16 7.45 -0.71 -3.21
HG2 ILM A 16 9.29 1.84 -4.92
HG2A ILM A 16 7.92 2.31 -3.83
HG2B ILM A 16 9.00 0.91 -3.40
H ILM A 16 5.64 -0.37 -6.53
CA GLY A 1 -3.64 0.34 -1.15
C GLY A 1 -2.25 0.14 -1.73
N LEU A 2 -1.39 1.13 -1.54
CA LEU A 2 -0.02 1.07 -2.05
C LEU A 2 0.92 0.52 -0.99
N ARG A 3 2.21 0.47 -1.32
CA ARG A 3 3.22 -0.03 -0.40
C ARG A 3 4.12 1.09 0.08
N ARG A 4 5.02 1.55 -0.78
CA ARG A 4 5.94 2.62 -0.43
C ARG A 4 5.24 3.98 -0.51
N LEU A 5 4.61 4.25 -1.64
CA LEU A 5 3.90 5.52 -1.83
C LEU A 5 2.93 5.78 -0.67
N PHE A 6 2.31 4.72 -0.18
CA PHE A 6 1.35 4.83 0.93
C PHE A 6 0.82 3.47 1.34
N ALA A 7 1.09 3.07 2.57
CA ALA A 7 0.64 1.77 3.07
C ALA A 7 -0.83 1.84 3.50
N ASN A 8 -1.53 0.73 3.35
CA ASN A 8 -2.94 0.66 3.71
C ASN A 8 -3.12 -0.07 5.04
N GLN A 9 -4.02 0.46 5.88
CA GLN A 9 -4.28 -0.15 7.19
C GLN A 9 -4.75 -1.58 7.04
N LEU A 10 -5.97 -1.76 6.54
CA LEU A 10 -6.55 -3.09 6.35
C LEU A 10 -5.68 -3.92 5.41
N VAL A 11 -5.65 -3.51 4.14
CA VAL A 11 -4.86 -4.21 3.13
C VAL A 11 -4.46 -3.28 1.99
N GLY A 12 -3.29 -3.53 1.42
CA GLY A 12 -2.82 -2.69 0.31
C GLY A 12 -1.57 -3.26 -0.34
N ARG A 13 -0.50 -2.49 -0.32
CA ARG A 13 0.76 -2.91 -0.92
C ARG A 13 0.56 -3.38 -2.36
N ARG A 14 0.12 -2.46 -3.21
CA ARG A 14 -0.12 -2.76 -4.62
C ARG A 14 1.12 -2.49 -5.46
N ASN A 15 1.53 -1.23 -5.50
CA ASN A 15 2.70 -0.83 -6.28
C ASN A 15 3.60 0.10 -5.47
C ILM A 16 6.02 2.17 -5.73
N ILM A 16 4.94 0.02 -5.71
O ILM A 16 6.04 3.22 -5.12
OXT ILM A 16 6.18 2.43 -7.03
CA ILM A 16 5.86 0.87 -4.99
CB ILM A 16 7.22 0.17 -4.87
CD1 ILM A 16 8.32 -1.96 -4.21
CE1 ILM A 16 6.31 3.75 -7.47
CG1 ILM A 16 7.06 -1.11 -4.07
CG2 ILM A 16 8.20 1.09 -4.17
HA ILM A 16 5.46 1.08 -3.96
HB ILM A 16 7.59 -0.06 -5.89
HD1 ILM A 16 8.18 -2.91 -3.66
HE1 ILM A 16 6.24 3.77 -8.59
HD1A ILM A 16 9.18 -1.40 -3.81
HE1A ILM A 16 5.51 4.37 -7.04
HG1 ILM A 16 6.18 -1.68 -4.44
HD1B ILM A 16 8.49 -2.17 -5.29
HE1B ILM A 16 7.31 4.14 -7.17
HG1A ILM A 16 6.90 -0.86 -2.99
HG2 ILM A 16 9.03 1.34 -4.86
HG2A ILM A 16 7.68 2.03 -3.86
HG2B ILM A 16 8.61 0.59 -3.26
H ILM A 16 5.24 -0.66 -6.40
CA GLY A 1 -3.29 -0.04 -1.55
C GLY A 1 -1.87 -0.10 -2.08
N LEU A 2 -1.15 1.01 -1.97
CA LEU A 2 0.23 1.07 -2.45
C LEU A 2 1.19 0.42 -1.44
N ARG A 3 2.48 0.50 -1.73
CA ARG A 3 3.49 -0.08 -0.86
C ARG A 3 4.23 1.00 -0.08
N ARG A 4 5.05 1.78 -0.78
CA ARG A 4 5.82 2.85 -0.14
C ARG A 4 5.09 4.18 -0.26
N LEU A 5 4.53 4.44 -1.44
CA LEU A 5 3.80 5.68 -1.68
C LEU A 5 2.73 5.90 -0.61
N PHE A 6 2.08 4.82 -0.21
CA PHE A 6 1.05 4.90 0.82
C PHE A 6 0.47 3.52 1.12
N ALA A 7 0.93 2.92 2.22
CA ALA A 7 0.47 1.60 2.62
C ALA A 7 -0.99 1.65 3.09
N ASN A 8 -1.78 0.67 2.65
CA ASN A 8 -3.18 0.59 3.03
C ASN A 8 -3.35 0.02 4.43
N GLN A 9 -4.26 0.60 5.20
CA GLN A 9 -4.51 0.14 6.57
C GLN A 9 -4.93 -1.33 6.57
N LEU A 10 -6.03 -1.63 5.89
CA LEU A 10 -6.54 -3.00 5.83
C LEU A 10 -5.59 -3.89 5.05
N VAL A 11 -5.47 -3.63 3.75
CA VAL A 11 -4.59 -4.41 2.88
C VAL A 11 -4.21 -3.63 1.64
N GLY A 12 -2.99 -3.86 1.14
CA GLY A 12 -2.53 -3.18 -0.05
C GLY A 12 -1.16 -3.66 -0.50
N ARG A 13 -0.19 -2.76 -0.50
CA ARG A 13 1.17 -3.10 -0.92
C ARG A 13 1.16 -3.77 -2.30
N ARG A 14 0.87 -2.98 -3.33
CA ARG A 14 0.83 -3.50 -4.69
C ARG A 14 1.94 -2.89 -5.54
N ASN A 15 2.23 -1.61 -5.30
CA ASN A 15 3.27 -0.91 -6.04
C ASN A 15 3.93 0.15 -5.18
C ILM A 16 5.78 2.77 -5.31
N ILM A 16 5.26 0.41 -5.44
O ILM A 16 5.16 3.63 -4.73
OXT ILM A 16 6.21 3.24 -6.48
CA ILM A 16 5.96 1.42 -4.67
CB ILM A 16 7.44 1.05 -4.63
CD1 ILM A 16 9.04 -0.79 -4.17
CE1 ILM A 16 5.91 4.56 -6.85
CG1 ILM A 16 7.63 -0.28 -3.92
CG2 ILM A 16 8.20 2.14 -3.87
HA ILM A 16 5.55 1.44 -3.63
HB ILM A 16 7.84 0.99 -5.67
HD1 ILM A 16 9.15 -1.80 -3.72
HE1 ILM A 16 6.34 4.77 -7.87
HD1A ILM A 16 9.78 -0.09 -3.71
HE1A ILM A 16 4.81 4.70 -6.87
HG1 ILM A 16 6.90 -1.01 -4.32
HD1B ILM A 16 9.24 -0.85 -5.27
HE1B ILM A 16 6.36 5.27 -6.12
HG1A ILM A 16 7.47 -0.15 -2.83
HG2 ILM A 16 8.90 2.66 -4.56
HG2A ILM A 16 7.48 2.89 -3.46
HG2B ILM A 16 8.77 1.68 -3.03
H ILM A 16 5.69 -0.12 -6.19
CA GLY A 1 -3.49 0.11 -1.79
C GLY A 1 -2.12 0.49 -2.28
N LEU A 2 -1.20 0.73 -1.36
CA LEU A 2 0.17 1.10 -1.70
C LEU A 2 1.18 0.33 -0.86
N ARG A 3 2.44 0.36 -1.28
CA ARG A 3 3.50 -0.34 -0.55
C ARG A 3 4.50 0.66 0.03
N ARG A 4 5.32 1.25 -0.84
CA ARG A 4 6.31 2.22 -0.42
C ARG A 4 5.70 3.61 -0.24
N LEU A 5 4.88 4.01 -1.20
CA LEU A 5 4.22 5.32 -1.16
C LEU A 5 3.47 5.50 0.15
N PHE A 6 2.81 4.43 0.61
CA PHE A 6 2.06 4.48 1.85
C PHE A 6 1.43 3.12 2.15
N ALA A 7 0.70 3.05 3.25
CA ALA A 7 0.03 1.81 3.66
C ALA A 7 -1.49 1.95 3.62
N ASN A 8 -2.17 0.86 3.30
CA ASN A 8 -3.63 0.87 3.24
C ASN A 8 -4.24 0.35 4.53
N GLN A 9 -5.31 0.98 4.98
CA GLN A 9 -6.00 0.58 6.21
C GLN A 9 -6.38 -0.89 6.15
N LEU A 10 -7.26 -1.23 5.22
CA LEU A 10 -7.72 -2.61 5.07
C LEU A 10 -6.58 -3.51 4.60
N VAL A 11 -6.12 -3.30 3.38
CA VAL A 11 -5.02 -4.09 2.82
C VAL A 11 -4.54 -3.51 1.50
N GLY A 12 -3.26 -3.71 1.20
CA GLY A 12 -2.70 -3.20 -0.02
C GLY A 12 -1.30 -3.72 -0.29
N ARG A 13 -0.32 -2.82 -0.25
CA ARG A 13 1.07 -3.20 -0.48
C ARG A 13 1.22 -3.98 -1.79
N ARG A 14 0.71 -3.40 -2.88
CA ARG A 14 0.78 -4.05 -4.19
C ARG A 14 1.27 -3.07 -5.24
N ASN A 15 1.99 -2.04 -4.82
CA ASN A 15 2.51 -1.04 -5.73
C ASN A 15 3.35 0.00 -4.99
C ILM A 16 4.96 2.75 -5.37
N ILM A 16 4.51 0.37 -5.59
O ILM A 16 4.40 3.47 -4.59
OXT ILM A 16 5.09 3.39 -6.54
CA ILM A 16 5.38 1.35 -4.96
CB ILM A 16 6.82 1.11 -5.39
CD1 ILM A 16 8.58 -0.63 -5.61
CE1 ILM A 16 4.61 4.70 -6.68
CG1 ILM A 16 7.26 -0.28 -4.93
CG2 ILM A 16 7.72 2.17 -4.76
HA ILM A 16 5.30 1.26 -3.85
HB ILM A 16 6.90 1.18 -6.50
HD1 ILM A 16 8.78 -1.72 -5.48
HE1 ILM A 16 4.94 5.11 -7.65
HD1A ILM A 16 9.41 -0.06 -5.14
HE1A ILM A 16 3.49 4.68 -6.64
HG1 ILM A 16 6.49 -1.02 -5.21
HD1B ILM A 16 8.52 -0.39 -6.69
HE1B ILM A 16 5.01 5.32 -5.85
HG1A ILM A 16 7.40 -0.27 -3.82
HG2 ILM A 16 8.07 2.88 -5.55
HG2A ILM A 16 7.15 2.73 -3.98
HG2B ILM A 16 8.60 1.67 -4.29
H ILM A 16 4.74 -0.06 -6.48
CA GLY A 1 -3.42 -0.02 -1.95
C GLY A 1 -2.00 0.12 -2.48
N LEU A 2 -1.13 0.72 -1.68
CA LEU A 2 0.26 0.91 -2.08
C LEU A 2 1.20 0.12 -1.18
N ARG A 3 2.51 0.29 -1.38
CA ARG A 3 3.50 -0.41 -0.59
C ARG A 3 4.40 0.58 0.17
N ARG A 4 5.30 1.23 -0.57
CA ARG A 4 6.22 2.20 0.02
C ARG A 4 5.58 3.58 0.08
N LEU A 5 4.92 3.97 -1.01
CA LEU A 5 4.26 5.27 -1.08
C LEU A 5 3.37 5.50 0.12
N PHE A 6 2.65 4.45 0.52
CA PHE A 6 1.74 4.53 1.66
C PHE A 6 1.05 3.19 1.89
N ALA A 7 1.57 2.43 2.85
CA ALA A 7 1.00 1.12 3.18
C ALA A 7 -0.48 1.24 3.50
N ASN A 8 -1.31 0.52 2.75
CA ASN A 8 -2.76 0.54 2.96
C ASN A 8 -3.11 0.00 4.35
N GLN A 9 -4.07 0.64 5.00
CA GLN A 9 -4.50 0.22 6.32
C GLN A 9 -5.02 -1.21 6.30
N LEU A 10 -6.17 -1.41 5.66
CA LEU A 10 -6.77 -2.74 5.56
C LEU A 10 -5.82 -3.71 4.87
N VAL A 11 -5.58 -3.50 3.58
CA VAL A 11 -4.69 -4.36 2.81
C VAL A 11 -4.32 -3.71 1.48
N GLY A 12 -3.14 -4.05 0.97
CA GLY A 12 -2.69 -3.49 -0.30
C GLY A 12 -1.34 -4.02 -0.71
N ARG A 13 -0.33 -3.14 -0.68
CA ARG A 13 1.02 -3.53 -1.06
C ARG A 13 1.04 -4.17 -2.45
N ARG A 14 0.74 -3.37 -3.47
CA ARG A 14 0.72 -3.85 -4.84
C ARG A 14 1.25 -2.79 -5.80
N ASN A 15 1.92 -1.79 -5.25
CA ASN A 15 2.49 -0.71 -6.05
C ASN A 15 3.32 0.24 -5.19
C ILM A 16 5.31 2.75 -5.35
N ILM A 16 4.61 0.45 -5.61
O ILM A 16 4.74 3.57 -4.67
OXT ILM A 16 5.71 3.32 -6.49
CA ILM A 16 5.47 1.33 -4.84
CB ILM A 16 6.92 0.90 -5.02
CD1 ILM A 16 8.44 -1.07 -4.87
CE1 ILM A 16 5.44 4.68 -6.73
CG1 ILM A 16 7.11 -0.48 -4.40
CG2 ILM A 16 7.83 1.90 -4.32
HA ILM A 16 5.20 1.29 -3.76
HB ILM A 16 7.17 0.86 -6.10
HD1 ILM A 16 8.48 -2.15 -4.61
HE1 ILM A 16 4.34 4.82 -6.81
HD1A ILM A 16 9.28 -0.54 -4.36
HE1A ILM A 16 5.83 5.30 -5.89
HG1 ILM A 16 6.28 -1.15 -4.72
HD1B ILM A 16 8.54 -0.94 -5.97
HE1B ILM A 16 5.93 4.99 -7.68
HG1A ILM A 16 7.12 -0.40 -3.30
HG2 ILM A 16 8.82 1.42 -4.11
HG2A ILM A 16 8.00 2.78 -4.98
HG2B ILM A 16 7.37 2.22 -3.36
H ILM A 16 4.91 -0.03 -6.44
CA GLY A 1 -3.00 0.06 -2.00
C GLY A 1 -1.62 0.35 -2.55
N LEU A 2 -0.68 0.67 -1.66
CA LEU A 2 0.69 0.98 -2.07
C LEU A 2 1.70 0.38 -1.09
N ARG A 3 2.96 0.40 -1.47
CA ARG A 3 4.02 -0.14 -0.63
C ARG A 3 4.86 0.98 -0.02
N ARG A 4 5.57 1.71 -0.87
CA ARG A 4 6.41 2.82 -0.41
C ARG A 4 5.60 4.10 -0.28
N LEU A 5 4.49 4.17 -1.01
CA LEU A 5 3.63 5.35 -0.98
C LEU A 5 2.56 5.21 0.10
N PHE A 6 2.99 4.82 1.30
CA PHE A 6 2.08 4.65 2.42
C PHE A 6 1.11 3.50 2.18
N ALA A 7 1.21 2.47 3.01
CA ALA A 7 0.34 1.31 2.89
C ALA A 7 -1.12 1.70 2.92
N ASN A 8 -2.01 0.72 2.78
CA ASN A 8 -3.44 0.97 2.80
C ASN A 8 -4.06 0.50 4.11
N GLN A 9 -5.12 1.20 4.54
CA GLN A 9 -5.80 0.85 5.78
C GLN A 9 -6.24 -0.61 5.77
N LEU A 10 -7.14 -0.94 4.85
CA LEU A 10 -7.64 -2.30 4.72
C LEU A 10 -6.55 -3.26 4.27
N VAL A 11 -6.08 -3.07 3.04
CA VAL A 11 -5.03 -3.92 2.49
C VAL A 11 -4.55 -3.38 1.14
N GLY A 12 -3.25 -3.49 0.90
CA GLY A 12 -2.68 -3.01 -0.35
C GLY A 12 -1.29 -3.56 -0.61
N ARG A 13 -0.29 -2.69 -0.54
CA ARG A 13 1.08 -3.10 -0.78
C ARG A 13 1.22 -3.87 -2.09
N ARG A 14 1.03 -3.17 -3.20
CA ARG A 14 1.12 -3.79 -4.51
C ARG A 14 1.54 -2.77 -5.57
N ASN A 15 2.22 -1.72 -5.14
CA ASN A 15 2.67 -0.67 -6.04
C ASN A 15 3.48 0.39 -5.29
C ILM A 16 5.27 3.02 -5.71
N ILM A 16 4.72 0.66 -5.80
O ILM A 16 4.73 3.85 -5.02
OXT ILM A 16 5.49 3.54 -6.93
CA ILM A 16 5.57 1.65 -5.16
CB ILM A 16 7.03 1.32 -5.41
CD1 ILM A 16 8.71 -0.52 -5.28
CE1 ILM A 16 5.11 4.86 -7.20
CG1 ILM A 16 7.36 -0.02 -4.77
CG2 ILM A 16 7.92 2.40 -4.81
HA ILM A 16 5.37 1.65 -4.05
HB ILM A 16 7.20 1.25 -6.51
HD1 ILM A 16 8.87 -1.57 -4.96
HE1 ILM A 16 4.00 4.93 -7.23
HD1A ILM A 16 9.52 0.13 -4.87
HE1A ILM A 16 5.49 5.53 -6.40
HG1 ILM A 16 6.57 -0.77 -5.03
HD1B ILM A 16 8.72 -0.47 -6.40
HE1B ILM A 16 5.53 5.17 -8.19
HG1A ILM A 16 7.41 0.09 -3.66
HG2 ILM A 16 8.42 2.95 -5.63
HG2A ILM A 16 7.29 3.10 -4.22
HG2B ILM A 16 8.68 1.93 -4.15
H ILM A 16 5.01 0.16 -6.63
CA GLY A 1 -3.76 0.22 -0.84
C GLY A 1 -2.44 0.00 -1.57
N LEU A 2 -1.54 0.97 -1.45
CA LEU A 2 -0.23 0.87 -2.10
C LEU A 2 0.81 0.30 -1.15
N ARG A 3 2.04 0.18 -1.65
CA ARG A 3 3.14 -0.36 -0.84
C ARG A 3 3.88 0.76 -0.13
N ARG A 4 4.67 1.52 -0.88
CA ARG A 4 5.44 2.62 -0.33
C ARG A 4 4.71 3.95 -0.51
N LEU A 5 4.14 4.14 -1.70
CA LEU A 5 3.41 5.36 -2.00
C LEU A 5 2.37 5.67 -0.93
N PHE A 6 1.77 4.62 -0.38
CA PHE A 6 0.76 4.76 0.66
C PHE A 6 0.25 3.40 1.12
N ALA A 7 0.69 2.98 2.31
CA ALA A 7 0.27 1.70 2.87
C ALA A 7 -1.17 1.75 3.35
N ASN A 8 -1.80 0.58 3.45
CA ASN A 8 -3.19 0.50 3.89
C ASN A 8 -3.28 -0.24 5.23
N GLN A 9 -4.13 0.26 6.11
CA GLN A 9 -4.31 -0.34 7.42
C GLN A 9 -4.77 -1.79 7.30
N LEU A 10 -5.98 -1.98 6.78
CA LEU A 10 -6.53 -3.31 6.59
C LEU A 10 -5.67 -4.14 5.64
N VAL A 11 -5.66 -3.74 4.38
CA VAL A 11 -4.87 -4.44 3.36
C VAL A 11 -4.52 -3.51 2.21
N GLY A 12 -3.34 -3.72 1.63
CA GLY A 12 -2.89 -2.90 0.52
C GLY A 12 -1.66 -3.45 -0.15
N ARG A 13 -0.60 -2.64 -0.21
CA ARG A 13 0.64 -3.04 -0.84
C ARG A 13 0.40 -3.59 -2.24
N ARG A 14 0.29 -2.67 -3.21
CA ARG A 14 0.05 -3.06 -4.59
C ARG A 14 1.27 -2.77 -5.46
N ASN A 15 1.99 -1.71 -5.10
CA ASN A 15 3.19 -1.31 -5.85
C ASN A 15 3.95 -0.22 -5.11
C ILM A 16 6.04 2.18 -5.54
N ILM A 16 5.28 -0.12 -5.41
O ILM A 16 6.18 3.23 -4.97
OXT ILM A 16 5.85 2.39 -6.84
CA ILM A 16 6.10 0.88 -4.75
CB ILM A 16 7.54 0.41 -4.67
CD1 ILM A 16 8.97 -1.51 -3.99
CE1 ILM A 16 5.84 3.70 -7.34
CG1 ILM A 16 7.62 -0.83 -3.79
CG2 ILM A 16 8.41 1.50 -4.08
HA ILM A 16 5.72 1.06 -3.71
HB ILM A 16 7.90 0.15 -5.69
HD1 ILM A 16 9.00 -2.45 -3.39
HE1 ILM A 16 5.59 3.69 -8.42
HD1A ILM A 16 9.79 -0.83 -3.65
HE1A ILM A 16 5.06 4.30 -6.80
HG1 ILM A 16 6.80 -1.53 -4.07
HD1B ILM A 16 9.12 -1.75 -5.07
HE1B ILM A 16 6.83 4.16 -7.19
HG1A ILM A 16 7.51 -0.53 -2.72
HG2 ILM A 16 9.47 1.14 -4.00
HG2A ILM A 16 8.39 2.40 -4.75
HG2B ILM A 16 8.03 1.78 -3.07
H ILM A 16 5.66 -0.77 -6.08
CA GLY A 1 -3.37 0.01 -1.91
C GLY A 1 -2.00 0.44 -2.39
N LEU A 2 -1.06 0.55 -1.46
CA LEU A 2 0.30 0.97 -1.81
C LEU A 2 1.33 0.33 -0.87
N ARG A 3 2.60 0.54 -1.15
CA ARG A 3 3.67 -0.01 -0.33
C ARG A 3 4.66 1.07 0.09
N ARG A 4 5.45 1.55 -0.87
CA ARG A 4 6.44 2.58 -0.61
C ARG A 4 5.76 3.92 -0.35
N LEU A 5 4.95 4.36 -1.31
CA LEU A 5 4.24 5.63 -1.18
C LEU A 5 3.47 5.70 0.14
N PHE A 6 2.86 4.60 0.52
CA PHE A 6 2.09 4.54 1.76
C PHE A 6 1.55 3.13 2.00
N ALA A 7 0.95 2.92 3.16
CA ALA A 7 0.38 1.63 3.51
C ALA A 7 -1.14 1.71 3.64
N ASN A 8 -1.84 1.01 2.76
CA ASN A 8 -3.29 1.00 2.77
C ASN A 8 -3.83 0.51 4.11
N GLN A 9 -4.90 1.12 4.58
CA GLN A 9 -5.51 0.75 5.86
C GLN A 9 -5.92 -0.72 5.85
N LEU A 10 -6.94 -1.03 5.05
CA LEU A 10 -7.44 -2.40 4.94
C LEU A 10 -6.37 -3.33 4.39
N VAL A 11 -6.00 -3.13 3.12
CA VAL A 11 -4.99 -3.95 2.48
C VAL A 11 -4.50 -3.32 1.19
N GLY A 12 -3.25 -3.58 0.83
CA GLY A 12 -2.69 -3.03 -0.39
C GLY A 12 -1.32 -3.59 -0.70
N ARG A 13 -0.31 -2.72 -0.69
CA ARG A 13 1.06 -3.14 -0.97
C ARG A 13 1.15 -3.81 -2.34
N ARG A 14 0.67 -3.12 -3.37
CA ARG A 14 0.70 -3.66 -4.73
C ARG A 14 1.26 -2.63 -5.70
N ASN A 15 2.15 -1.78 -5.21
CA ASN A 15 2.78 -0.76 -6.04
C ASN A 15 3.85 -0.01 -5.27
C ILM A 16 5.98 2.80 -6.08
N ILM A 16 4.72 0.74 -6.02
O ILM A 16 5.56 2.96 -7.20
OXT ILM A 16 6.56 3.93 -5.67
CA ILM A 16 5.78 1.48 -5.37
CB ILM A 16 7.08 0.69 -5.43
CD1 ILM A 16 8.15 -1.48 -4.85
CE1 ILM A 16 6.62 5.04 -6.52
CG1 ILM A 16 6.90 -0.63 -4.68
CG2 ILM A 16 8.20 1.49 -4.78
HA ILM A 16 5.50 1.67 -4.31
HB ILM A 16 7.34 0.48 -6.49
HD1 ILM A 16 7.87 -2.56 -4.83
HE1 ILM A 16 7.29 4.82 -7.38
HD1A ILM A 16 8.85 -1.27 -4.01
HE1A ILM A 16 5.60 5.27 -6.91
HG1 ILM A 16 6.02 -1.17 -5.10
HD1B ILM A 16 8.65 -1.24 -5.81
HE1B ILM A 16 7.00 5.93 -5.97
HG1A ILM A 16 6.73 -0.42 -3.60
HG2 ILM A 16 9.00 1.70 -5.53
HG2A ILM A 16 7.79 2.45 -4.40
HG2B ILM A 16 8.63 0.91 -3.94
H ILM A 16 4.58 0.74 -7.02
CA GLY A 1 -3.18 -0.26 -1.45
C GLY A 1 -1.73 -0.18 -1.91
N LEU A 2 -1.12 0.97 -1.69
CA LEU A 2 0.28 1.17 -2.09
C LEU A 2 1.23 0.47 -1.12
N ARG A 3 2.53 0.61 -1.38
CA ARG A 3 3.54 -0.01 -0.53
C ARG A 3 4.55 1.04 -0.03
N ARG A 4 5.36 1.54 -0.94
CA ARG A 4 6.37 2.53 -0.60
C ARG A 4 5.74 3.93 -0.49
N LEU A 5 5.09 4.37 -1.56
CA LEU A 5 4.45 5.67 -1.58
C LEU A 5 3.51 5.83 -0.40
N PHE A 6 2.93 4.72 0.05
CA PHE A 6 2.01 4.74 1.19
C PHE A 6 1.56 3.33 1.54
N ALA A 7 0.80 3.22 2.62
CA ALA A 7 0.30 1.92 3.08
C ALA A 7 -1.22 1.96 3.25
N ASN A 8 -1.85 0.80 3.09
CA ASN A 8 -3.29 0.70 3.23
C ASN A 8 -3.67 0.14 4.60
N GLN A 9 -4.73 0.70 5.18
CA GLN A 9 -5.19 0.27 6.50
C GLN A 9 -5.53 -1.22 6.50
N LEU A 10 -6.58 -1.57 5.76
CA LEU A 10 -7.01 -2.97 5.67
C LEU A 10 -5.95 -3.82 5.02
N VAL A 11 -5.70 -3.58 3.72
CA VAL A 11 -4.70 -4.34 2.98
C VAL A 11 -4.28 -3.58 1.72
N GLY A 12 -3.03 -3.80 1.31
CA GLY A 12 -2.52 -3.14 0.11
C GLY A 12 -1.14 -3.64 -0.28
N ARG A 13 -0.20 -2.72 -0.42
CA ARG A 13 1.16 -3.07 -0.80
C ARG A 13 1.19 -3.72 -2.18
N ARG A 14 0.73 -2.98 -3.18
CA ARG A 14 0.70 -3.48 -4.56
C ARG A 14 1.57 -2.61 -5.47
N ASN A 15 1.64 -1.31 -5.17
CA ASN A 15 2.43 -0.39 -5.96
C ASN A 15 3.61 0.15 -5.14
C ILM A 16 6.20 2.57 -5.85
N ILM A 16 4.61 0.75 -5.86
O ILM A 16 6.14 2.67 -7.06
OXT ILM A 16 6.68 3.71 -5.35
CA ILM A 16 5.77 1.29 -5.18
CB ILM A 16 6.91 0.28 -5.23
CD1 ILM A 16 7.58 -2.05 -4.67
CE1 ILM A 16 7.01 4.77 -6.20
CG1 ILM A 16 6.49 -0.99 -4.52
CG2 ILM A 16 8.13 0.87 -4.55
HA ILM A 16 5.51 1.50 -4.11
HB ILM A 16 7.15 0.05 -6.30
HD1 ILM A 16 7.13 -3.07 -4.56
HE1 ILM A 16 7.91 4.50 -6.79
HD1A ILM A 16 8.36 -1.89 -3.89
HE1A ILM A 16 6.16 4.97 -6.89
HG1 ILM A 16 5.54 -1.37 -4.96
HD1B ILM A 16 8.04 -1.96 -5.68
HE1B ILM A 16 7.23 5.68 -5.59
HG1A ILM A 16 6.33 -0.79 -3.44
HG2 ILM A 16 8.97 0.94 -5.29
HG2A ILM A 16 7.90 1.88 -4.15
HG2B ILM A 16 8.44 0.20 -3.71
H ILM A 16 4.50 0.79 -6.87
CA GLY A 1 -3.21 -0.17 -1.67
C GLY A 1 -1.82 0.10 -2.20
N LEU A 2 -0.91 0.45 -1.30
CA LEU A 2 0.48 0.74 -1.68
C LEU A 2 1.45 0.09 -0.71
N ARG A 3 2.74 0.27 -0.96
CA ARG A 3 3.77 -0.30 -0.11
C ARG A 3 4.78 0.77 0.32
N ARG A 4 5.62 1.20 -0.63
CA ARG A 4 6.62 2.22 -0.36
C ARG A 4 5.97 3.59 -0.19
N LEU A 5 5.21 4.00 -1.19
CA LEU A 5 4.54 5.30 -1.16
C LEU A 5 3.72 5.46 0.12
N PHE A 6 3.07 4.37 0.54
CA PHE A 6 2.25 4.39 1.75
C PHE A 6 1.65 3.02 2.03
N ALA A 7 1.00 2.88 3.17
CA ALA A 7 0.38 1.62 3.56
C ALA A 7 -1.14 1.76 3.63
N ASN A 8 -1.84 0.73 3.16
CA ASN A 8 -3.30 0.74 3.17
C ASN A 8 -3.83 0.21 4.50
N GLN A 9 -4.89 0.85 5.00
CA GLN A 9 -5.49 0.45 6.27
C GLN A 9 -5.96 -0.99 6.22
N LEU A 10 -7.05 -1.23 5.50
CA LEU A 10 -7.60 -2.58 5.36
C LEU A 10 -6.60 -3.51 4.71
N VAL A 11 -6.31 -3.26 3.43
CA VAL A 11 -5.36 -4.09 2.69
C VAL A 11 -4.74 -3.31 1.53
N GLY A 12 -3.51 -3.67 1.17
CA GLY A 12 -2.83 -3.00 0.08
C GLY A 12 -1.54 -3.68 -0.30
N ARG A 13 -0.44 -2.94 -0.24
CA ARG A 13 0.88 -3.47 -0.58
C ARG A 13 0.85 -4.13 -1.96
N ARG A 14 0.30 -3.43 -2.94
CA ARG A 14 0.21 -3.94 -4.30
C ARG A 14 0.80 -2.96 -5.30
N ASN A 15 1.74 -2.15 -4.83
CA ASN A 15 2.39 -1.15 -5.68
C ASN A 15 3.50 -0.42 -4.91
C ILM A 16 5.59 2.42 -5.71
N ILM A 16 4.34 0.35 -5.67
O ILM A 16 5.15 2.60 -6.81
OXT ILM A 16 6.19 3.54 -5.30
CA ILM A 16 5.42 1.08 -5.03
CB ILM A 16 6.72 0.28 -5.15
CD1 ILM A 16 7.81 -1.90 -4.66
CE1 ILM A 16 6.21 4.66 -6.12
CG1 ILM A 16 6.56 -1.06 -4.44
CG2 ILM A 16 7.86 1.07 -4.51
HA ILM A 16 5.18 1.24 -3.96
HB ILM A 16 6.94 0.10 -6.23
HD1 ILM A 16 7.53 -2.98 -4.64
HE1 ILM A 16 5.18 4.89 -6.47
HD1A ILM A 16 8.55 -1.69 -3.85
HE1A ILM A 16 6.61 5.54 -5.55
HG1 ILM A 16 5.67 -1.59 -4.84
HD1B ILM A 16 8.26 -1.65 -5.64
HE1B ILM A 16 6.87 4.47 -7.00
HG1A ILM A 16 6.42 -0.88 -3.35
HG2 ILM A 16 8.63 1.29 -5.29
HG2A ILM A 16 7.46 2.01 -4.10
HG2B ILM A 16 8.31 0.46 -3.70
H ILM A 16 4.18 0.37 -6.67
CA GLY A 1 -3.34 0.06 -1.89
C GLY A 1 -1.92 0.35 -2.36
N LEU A 2 -1.01 0.54 -1.41
CA LEU A 2 0.38 0.84 -1.75
C LEU A 2 1.33 0.19 -0.73
N ARG A 3 2.63 0.40 -0.94
CA ARG A 3 3.64 -0.15 -0.04
C ARG A 3 4.72 0.88 0.26
N ARG A 4 5.46 1.27 -0.78
CA ARG A 4 6.53 2.24 -0.62
C ARG A 4 5.96 3.63 -0.35
N LEU A 5 5.23 4.17 -1.32
CA LEU A 5 4.63 5.49 -1.20
C LEU A 5 3.80 5.60 0.08
N PHE A 6 3.18 4.49 0.46
CA PHE A 6 2.35 4.45 1.66
C PHE A 6 1.80 3.04 1.90
N ALA A 7 1.02 2.90 2.96
CA ALA A 7 0.43 1.60 3.31
C ALA A 7 -1.09 1.70 3.40
N ASN A 8 -1.76 0.63 3.01
CA ASN A 8 -3.22 0.58 3.03
C ASN A 8 -3.72 -0.02 4.35
N GLN A 9 -4.79 0.56 4.90
CA GLN A 9 -5.36 0.08 6.14
C GLN A 9 -5.77 -1.38 6.03
N LEU A 10 -6.82 -1.65 5.25
CA LEU A 10 -7.31 -3.00 5.05
C LEU A 10 -6.24 -3.88 4.41
N VAL A 11 -5.91 -3.59 3.16
CA VAL A 11 -4.91 -4.36 2.44
C VAL A 11 -4.53 -3.67 1.13
N GLY A 12 -3.30 -3.90 0.69
CA GLY A 12 -2.83 -3.29 -0.54
C GLY A 12 -1.44 -3.77 -0.95
N ARG A 13 -0.45 -2.90 -0.74
CA ARG A 13 0.93 -3.24 -1.09
C ARG A 13 1.03 -3.74 -2.53
N ARG A 14 0.51 -2.94 -3.45
CA ARG A 14 0.54 -3.30 -4.87
C ARG A 14 1.34 -2.29 -5.68
N ASN A 15 1.33 -1.04 -5.21
CA ASN A 15 2.06 0.03 -5.89
C ASN A 15 3.32 0.40 -5.13
C ILM A 16 6.30 2.26 -6.00
N ILM A 16 4.40 0.76 -5.88
O ILM A 16 6.47 2.17 -7.19
OXT ILM A 16 6.77 3.44 -5.58
CA ILM A 16 5.66 1.13 -5.25
CB ILM A 16 6.59 -0.08 -5.24
CD1 ILM A 16 6.84 -2.45 -4.53
CE1 ILM A 16 7.33 4.33 -6.50
CG1 ILM A 16 5.97 -1.21 -4.43
CG2 ILM A 16 7.92 0.31 -4.60
HA ILM A 16 5.45 1.45 -4.20
HB ILM A 16 6.77 -0.41 -6.28
HD1 ILM A 16 7.17 -2.74 -3.51
HE1 ILM A 16 6.65 4.46 -7.36
HD1A ILM A 16 7.73 -2.23 -5.16
HE1A ILM A 16 7.49 5.32 -6.01
HG1 ILM A 16 4.96 -1.44 -4.85
HD1B ILM A 16 6.26 -3.28 -4.98
HE1B ILM A 16 8.30 3.93 -6.85
HG1A ILM A 16 5.86 -0.90 -3.37
HG2 ILM A 16 8.74 0.19 -5.33
HG2A ILM A 16 7.87 1.38 -4.27
HG2B ILM A 16 8.11 -0.34 -3.72
H ILM A 16 4.29 0.75 -6.88
CA GLY A 1 -3.64 0.21 -1.38
C GLY A 1 -2.25 0.07 -1.95
N LEU A 2 -1.40 1.05 -1.68
CA LEU A 2 -0.02 1.03 -2.17
C LEU A 2 0.92 0.45 -1.12
N ARG A 3 2.21 0.45 -1.42
CA ARG A 3 3.21 -0.08 -0.52
C ARG A 3 4.09 1.04 0.04
N ARG A 4 5.00 1.55 -0.80
CA ARG A 4 5.90 2.62 -0.40
C ARG A 4 5.18 3.97 -0.43
N LEU A 5 4.56 4.27 -1.56
CA LEU A 5 3.83 5.53 -1.72
C LEU A 5 2.85 5.75 -0.58
N PHE A 6 2.24 4.66 -0.12
CA PHE A 6 1.28 4.73 0.97
C PHE A 6 0.75 3.33 1.31
N ALA A 7 1.17 2.82 2.46
CA ALA A 7 0.73 1.49 2.91
C ALA A 7 -0.72 1.52 3.36
N ASN A 8 -1.46 0.47 3.02
CA ASN A 8 -2.87 0.37 3.40
C ASN A 8 -3.03 -0.35 4.73
N GLN A 9 -3.93 0.15 5.56
CA GLN A 9 -4.19 -0.45 6.86
C GLN A 9 -4.60 -1.91 6.73
N LEU A 10 -5.81 -2.13 6.21
CA LEU A 10 -6.32 -3.48 6.02
C LEU A 10 -5.42 -4.28 5.07
N VAL A 11 -5.41 -3.87 3.80
CA VAL A 11 -4.60 -4.55 2.80
C VAL A 11 -4.29 -3.62 1.63
N GLY A 12 -3.15 -3.86 0.97
CA GLY A 12 -2.76 -3.03 -0.15
C GLY A 12 -1.44 -3.47 -0.76
N ARG A 13 -0.41 -2.63 -0.60
CA ARG A 13 0.91 -2.95 -1.14
C ARG A 13 0.82 -3.29 -2.62
N ARG A 14 0.26 -2.38 -3.41
CA ARG A 14 0.10 -2.60 -4.84
C ARG A 14 1.44 -2.42 -5.55
N ASN A 15 1.86 -1.16 -5.69
CA ASN A 15 3.13 -0.85 -6.36
C ASN A 15 4.06 -0.10 -5.43
C ILM A 16 6.69 2.33 -5.98
N ILM A 16 5.19 0.43 -6.00
O ILM A 16 7.23 2.14 -7.04
OXT ILM A 16 6.68 3.65 -5.74
CA ILM A 16 6.13 1.18 -5.19
CB ILM A 16 7.28 0.26 -4.78
CD1 ILM A 16 7.86 -1.87 -3.63
CE1 ILM A 16 7.27 4.54 -6.65
CG1 ILM A 16 6.73 -0.90 -3.94
CG2 ILM A 16 8.29 1.04 -3.96
HA ILM A 16 5.62 1.56 -4.28
HB ILM A 16 7.77 -0.15 -5.68
HD1 ILM A 16 7.98 -1.96 -2.53
HE1 ILM A 16 8.28 4.18 -6.92
HD1A ILM A 16 8.80 -1.51 -4.09
HE1A ILM A 16 6.63 4.59 -7.56
HG1 ILM A 16 5.93 -1.42 -4.51
HD1B ILM A 16 7.60 -2.87 -4.06
HE1B ILM A 16 7.33 5.54 -6.18
HG1A ILM A 16 6.32 -0.49 -2.99
HG2 ILM A 16 9.28 1.04 -4.49
HG2A ILM A 16 7.94 2.10 -3.84
HG2B ILM A 16 8.41 0.58 -2.96
H ILM A 16 5.32 0.28 -6.99
CA GLY A 1 -3.51 0.31 -1.82
C GLY A 1 -2.12 0.52 -2.38
N LEU A 2 -1.21 0.97 -1.52
CA LEU A 2 0.17 1.21 -1.94
C LEU A 2 1.15 0.57 -0.97
N ARG A 3 2.44 0.80 -1.21
CA ARG A 3 3.49 0.25 -0.35
C ARG A 3 4.46 1.33 0.10
N ARG A 4 5.30 1.78 -0.83
CA ARG A 4 6.28 2.81 -0.53
C ARG A 4 5.60 4.16 -0.30
N LEU A 5 4.88 4.63 -1.31
CA LEU A 5 4.18 5.90 -1.22
C LEU A 5 3.31 5.96 0.02
N PHE A 6 2.69 4.84 0.36
CA PHE A 6 1.83 4.76 1.53
C PHE A 6 1.38 3.33 1.79
N ALA A 7 0.58 3.14 2.83
CA ALA A 7 0.06 1.82 3.19
C ALA A 7 -1.44 1.84 3.37
N ASN A 8 -2.11 0.80 2.90
CA ASN A 8 -3.56 0.69 3.02
C ASN A 8 -3.96 0.09 4.36
N GLN A 9 -5.02 0.63 4.95
CA GLN A 9 -5.50 0.15 6.23
C GLN A 9 -5.85 -1.33 6.17
N LEU A 10 -6.85 -1.66 5.35
CA LEU A 10 -7.29 -3.04 5.20
C LEU A 10 -6.19 -3.89 4.58
N VAL A 11 -5.85 -3.62 3.33
CA VAL A 11 -4.81 -4.37 2.63
C VAL A 11 -4.41 -3.67 1.33
N GLY A 12 -3.16 -3.87 0.92
CA GLY A 12 -2.67 -3.25 -0.30
C GLY A 12 -1.25 -3.68 -0.63
N ARG A 13 -0.35 -2.71 -0.68
CA ARG A 13 1.05 -2.98 -0.98
C ARG A 13 1.19 -3.60 -2.38
N ARG A 14 0.59 -2.94 -3.37
CA ARG A 14 0.64 -3.42 -4.74
C ARG A 14 1.16 -2.34 -5.68
N ASN A 15 2.05 -1.49 -5.16
CA ASN A 15 2.62 -0.41 -5.95
C ASN A 15 3.75 0.28 -5.19
C ILM A 16 6.37 2.56 -6.17
N ILM A 16 4.79 0.75 -5.94
O ILM A 16 6.97 2.33 -7.19
OXT ILM A 16 6.26 3.88 -6.02
CA ILM A 16 5.91 1.42 -5.30
CB ILM A 16 7.05 0.43 -5.10
CD1 ILM A 16 7.68 -1.76 -4.09
CE1 ILM A 16 6.79 4.75 -6.98
CG1 ILM A 16 6.58 -0.69 -4.19
CG2 ILM A 16 8.23 1.14 -4.47
HA ILM A 16 5.58 1.82 -4.31
HB ILM A 16 7.34 0.01 -6.09
HD1 ILM A 16 7.23 -2.74 -3.83
HE1 ILM A 16 6.35 4.51 -7.98
HD1A ILM A 16 8.41 -1.45 -3.30
HE1A ILM A 16 6.54 5.80 -6.71
HG1 ILM A 16 5.66 -1.17 -4.60
HD1B ILM A 16 8.21 -1.83 -5.07
HE1B ILM A 16 7.89 4.63 -7.02
HG1A ILM A 16 6.36 -0.29 -3.18
HG2 ILM A 16 9.11 1.10 -5.16
HG2A ILM A 16 7.96 2.21 -4.27
HG2B ILM A 16 8.49 0.64 -3.51
H ILM A 16 4.74 0.61 -6.94
CA GLY A 1 -3.69 0.12 -1.32
C GLY A 1 -2.29 0.04 -1.91
N LEU A 2 -1.42 0.93 -1.46
CA LEU A 2 -0.04 0.95 -1.96
C LEU A 2 0.93 0.50 -0.87
N ARG A 3 2.22 0.55 -1.18
CA ARG A 3 3.25 0.14 -0.24
C ARG A 3 4.20 1.31 0.07
N ARG A 4 5.07 1.63 -0.88
CA ARG A 4 6.02 2.72 -0.70
C ARG A 4 5.31 4.07 -0.70
N LEU A 5 4.57 4.35 -1.77
CA LEU A 5 3.85 5.60 -1.88
C LEU A 5 2.98 5.84 -0.65
N PHE A 6 2.36 4.78 -0.15
CA PHE A 6 1.50 4.87 1.03
C PHE A 6 0.96 3.51 1.41
N ALA A 7 1.38 3.01 2.58
CA ALA A 7 0.93 1.71 3.06
C ALA A 7 -0.54 1.75 3.44
N ASN A 8 -1.22 0.63 3.22
CA ASN A 8 -2.65 0.53 3.53
C ASN A 8 -2.86 -0.16 4.87
N GLN A 9 -3.81 0.36 5.65
CA GLN A 9 -4.11 -0.21 6.96
C GLN A 9 -4.52 -1.68 6.84
N LEU A 10 -5.74 -1.91 6.36
CA LEU A 10 -6.25 -3.26 6.20
C LEU A 10 -5.36 -4.06 5.26
N VAL A 11 -5.37 -3.68 3.98
CA VAL A 11 -4.56 -4.37 2.98
C VAL A 11 -4.26 -3.45 1.80
N GLY A 12 -3.13 -3.70 1.14
CA GLY A 12 -2.75 -2.88 0.00
C GLY A 12 -1.50 -3.40 -0.68
N ARG A 13 -0.44 -2.60 -0.65
CA ARG A 13 0.83 -2.98 -1.27
C ARG A 13 0.61 -3.40 -2.72
N ARG A 14 0.00 -2.53 -3.51
CA ARG A 14 -0.27 -2.81 -4.91
C ARG A 14 0.98 -2.57 -5.76
N ASN A 15 1.53 -1.37 -5.68
CA ASN A 15 2.73 -1.02 -6.44
C ASN A 15 3.76 -0.33 -5.54
C ILM A 16 6.60 1.79 -6.22
N ILM A 16 4.92 0.05 -6.15
O ILM A 16 7.29 1.48 -7.17
OXT ILM A 16 6.55 3.12 -6.13
CA ILM A 16 5.96 0.72 -5.39
CB ILM A 16 7.00 -0.30 -4.96
CD1 ILM A 16 7.39 -2.45 -3.76
CE1 ILM A 16 7.26 3.91 -7.05
CG1 ILM A 16 6.36 -1.37 -4.08
CG2 ILM A 16 8.11 0.39 -4.20
HA ILM A 16 5.51 1.18 -4.48
HB ILM A 16 7.43 -0.79 -5.87
HD1 ILM A 16 6.87 -3.32 -3.30
HE1 ILM A 16 6.87 3.72 -8.08
HD1A ILM A 16 8.14 -2.05 -3.05
HE1A ILM A 16 7.13 4.98 -6.80
HG1 ILM A 16 5.49 -1.82 -4.62
HD1B ILM A 16 7.89 -2.77 -4.70
HE1B ILM A 16 8.34 3.65 -7.02
HG1A ILM A 16 6.01 -0.90 -3.13
HG2 ILM A 16 9.08 0.27 -4.73
HG2A ILM A 16 7.87 1.48 -4.10
HG2B ILM A 16 8.20 -0.06 -3.18
H ILM A 16 5.01 -0.14 -7.14
CA GLY A 1 -3.12 0.32 -2.11
C GLY A 1 -1.68 0.32 -2.58
N LEU A 2 -0.79 0.90 -1.76
CA LEU A 2 0.63 0.96 -2.10
C LEU A 2 1.47 0.35 -0.98
N ARG A 3 2.79 0.53 -1.09
CA ARG A 3 3.71 0.01 -0.09
C ARG A 3 4.70 1.08 0.36
N ARG A 4 5.49 1.59 -0.59
CA ARG A 4 6.48 2.62 -0.30
C ARG A 4 5.80 3.97 -0.09
N LEU A 5 5.07 4.43 -1.12
CA LEU A 5 4.38 5.71 -1.05
C LEU A 5 3.52 5.80 0.20
N PHE A 6 2.71 4.77 0.44
CA PHE A 6 1.84 4.73 1.61
C PHE A 6 1.06 3.42 1.66
N ALA A 7 1.29 2.65 2.72
CA ALA A 7 0.62 1.36 2.89
C ALA A 7 -0.88 1.56 3.16
N ASN A 8 -1.70 0.71 2.57
CA ASN A 8 -3.15 0.79 2.76
C ASN A 8 -3.57 0.19 4.09
N GLN A 9 -4.51 0.83 4.76
CA GLN A 9 -5.00 0.37 6.05
C GLN A 9 -5.56 -1.05 5.93
N LEU A 10 -6.65 -1.19 5.19
CA LEU A 10 -7.28 -2.50 4.99
C LEU A 10 -6.33 -3.46 4.28
N VAL A 11 -6.05 -3.17 3.02
CA VAL A 11 -5.16 -4.00 2.23
C VAL A 11 -4.57 -3.22 1.06
N GLY A 12 -3.37 -3.63 0.63
CA GLY A 12 -2.71 -2.95 -0.46
C GLY A 12 -1.36 -3.56 -0.79
N ARG A 13 -0.32 -2.72 -0.76
CA ARG A 13 1.03 -3.18 -1.06
C ARG A 13 1.12 -3.71 -2.48
N ARG A 14 0.42 -3.05 -3.41
CA ARG A 14 0.44 -3.46 -4.81
C ARG A 14 0.93 -2.33 -5.70
N ASN A 15 1.74 -1.44 -5.13
CA ASN A 15 2.29 -0.31 -5.88
C ASN A 15 3.44 0.34 -5.11
C ILM A 16 5.96 2.77 -6.02
N ILM A 16 4.43 0.90 -5.87
O ILM A 16 6.41 2.65 -7.13
OXT ILM A 16 5.90 4.07 -5.71
CA ILM A 16 5.56 1.55 -5.23
CB ILM A 16 6.73 0.57 -5.18
CD1 ILM A 16 7.47 -1.67 -4.39
CE1 ILM A 16 6.34 5.03 -6.63
CG1 ILM A 16 6.35 -0.64 -4.35
CG2 ILM A 16 7.93 1.26 -4.53
HA ILM A 16 5.27 1.85 -4.19
HB ILM A 16 7.00 0.25 -6.20
HD1 ILM A 16 7.06 -2.68 -4.18
HE1 ILM A 16 7.34 4.74 -7.01
HD1A ILM A 16 8.23 -1.41 -3.62
HE1A ILM A 16 5.61 5.08 -7.48
HG1 ILM A 16 5.42 -1.10 -4.76
HD1B ILM A 16 7.95 -1.65 -5.39
HE1B ILM A 16 6.39 6.03 -6.13
HG1A ILM A 16 6.17 -0.33 -3.29
HG2 ILM A 16 8.77 1.29 -5.26
HG2A ILM A 16 7.65 2.30 -4.25
HG2B ILM A 16 8.25 0.70 -3.63
H ILM A 16 4.32 0.84 -6.88
CA GLY A 1 -3.31 -0.10 -1.72
C GLY A 1 -1.93 0.23 -2.25
N LEU A 2 -1.03 0.62 -1.34
CA LEU A 2 0.34 0.96 -1.73
C LEU A 2 1.34 0.28 -0.81
N ARG A 3 2.62 0.41 -1.15
CA ARG A 3 3.69 -0.20 -0.35
C ARG A 3 4.64 0.87 0.17
N ARG A 4 5.46 1.42 -0.72
CA ARG A 4 6.42 2.45 -0.35
C ARG A 4 5.74 3.81 -0.23
N LEU A 5 4.99 4.18 -1.25
CA LEU A 5 4.28 5.46 -1.27
C LEU A 5 3.45 5.64 0.00
N PHE A 6 2.83 4.55 0.43
CA PHE A 6 2.00 4.58 1.63
C PHE A 6 1.46 3.19 1.96
N ALA A 7 0.87 3.05 3.14
CA ALA A 7 0.32 1.77 3.58
C ALA A 7 -1.20 1.84 3.70
N ASN A 8 -1.88 0.92 3.02
CA ASN A 8 -3.34 0.88 3.06
C ASN A 8 -3.84 0.42 4.42
N GLN A 9 -4.93 1.04 4.88
CA GLN A 9 -5.51 0.70 6.18
C GLN A 9 -5.85 -0.79 6.23
N LEU A 10 -6.90 -1.18 5.52
CA LEU A 10 -7.33 -2.57 5.49
C LEU A 10 -6.23 -3.47 4.94
N VAL A 11 -5.88 -3.26 3.67
CA VAL A 11 -4.84 -4.05 3.03
C VAL A 11 -4.44 -3.45 1.69
N GLY A 12 -3.14 -3.50 1.38
CA GLY A 12 -2.67 -2.95 0.12
C GLY A 12 -1.33 -3.56 -0.29
N ARG A 13 -0.29 -2.74 -0.26
CA ARG A 13 1.05 -3.20 -0.65
C ARG A 13 1.02 -3.84 -2.02
N ARG A 14 0.67 -3.06 -3.05
CA ARG A 14 0.61 -3.56 -4.41
C ARG A 14 1.06 -2.49 -5.40
N ASN A 15 1.92 -1.60 -4.93
CA ASN A 15 2.43 -0.51 -5.78
C ASN A 15 3.59 0.21 -5.10
C ILM A 16 5.75 2.92 -6.12
N ILM A 16 4.43 0.90 -5.92
O ILM A 16 5.30 3.05 -7.23
OXT ILM A 16 6.37 4.05 -5.77
CA ILM A 16 5.56 1.63 -5.36
CB ILM A 16 6.82 0.78 -5.48
CD1 ILM A 16 7.85 -1.42 -4.92
CE1 ILM A 16 6.42 5.13 -6.66
CG1 ILM A 16 6.64 -0.52 -4.69
CG2 ILM A 16 8.01 1.55 -4.93
HA ILM A 16 5.36 1.84 -4.29
HB ILM A 16 7.00 0.53 -6.55
HD1 ILM A 16 7.59 -2.46 -4.60
HE1 ILM A 16 5.39 5.35 -7.02
HD1A ILM A 16 8.71 -1.05 -4.32
HE1A ILM A 16 6.83 6.03 -6.14
HG1 ILM A 16 5.72 -1.04 -5.04
HD1B ILM A 16 8.11 -1.42 -6.00
HE1B ILM A 16 7.08 4.87 -7.52
HG1A ILM A 16 6.55 -0.28 -3.62
HG2 ILM A 16 8.93 0.94 -5.03
HG2A ILM A 16 8.14 2.50 -5.50
HG2B ILM A 16 7.84 1.78 -3.86
H ILM A 16 4.24 0.88 -6.91
CA GLY A 1 -3.13 -0.35 -1.72
C GLY A 1 -1.74 -0.01 -2.24
N LEU A 2 -0.87 0.44 -1.36
CA LEU A 2 0.50 0.78 -1.75
C LEU A 2 1.51 0.14 -0.80
N ARG A 3 2.79 0.32 -1.11
CA ARG A 3 3.86 -0.25 -0.30
C ARG A 3 4.86 0.84 0.12
N ARG A 4 5.66 1.29 -0.84
CA ARG A 4 6.66 2.32 -0.58
C ARG A 4 5.99 3.68 -0.36
N LEU A 5 5.18 4.10 -1.32
CA LEU A 5 4.49 5.37 -1.24
C LEU A 5 3.73 5.49 0.08
N PHE A 6 3.10 4.40 0.50
CA PHE A 6 2.34 4.38 1.74
C PHE A 6 1.77 2.99 2.01
N ALA A 7 1.08 2.84 3.14
CA ALA A 7 0.49 1.56 3.50
C ALA A 7 -1.03 1.68 3.62
N ASN A 8 -1.74 0.72 3.03
CA ASN A 8 -3.19 0.71 3.07
C ASN A 8 -3.71 0.22 4.42
N GLN A 9 -4.75 0.86 4.92
CA GLN A 9 -5.34 0.49 6.20
C GLN A 9 -5.80 -0.97 6.18
N LEU A 10 -6.87 -1.23 5.45
CA LEU A 10 -7.42 -2.58 5.35
C LEU A 10 -6.40 -3.53 4.71
N VAL A 11 -6.11 -3.31 3.43
CA VAL A 11 -5.16 -4.14 2.72
C VAL A 11 -4.56 -3.38 1.53
N GLY A 12 -3.33 -3.72 1.18
CA GLY A 12 -2.66 -3.06 0.07
C GLY A 12 -1.33 -3.72 -0.28
N ARG A 13 -0.27 -2.92 -0.27
CA ARG A 13 1.06 -3.42 -0.59
C ARG A 13 1.08 -4.08 -1.96
N ARG A 14 0.51 -3.40 -2.95
CA ARG A 14 0.46 -3.93 -4.31
C ARG A 14 0.98 -2.90 -5.30
N ASN A 15 1.80 -1.97 -4.82
CA ASN A 15 2.36 -0.93 -5.67
C ASN A 15 3.50 -0.21 -4.96
C ILM A 16 5.54 2.66 -5.81
N ILM A 16 4.30 0.58 -5.74
O ILM A 16 5.07 2.85 -6.91
OXT ILM A 16 6.09 3.79 -5.37
CA ILM A 16 5.42 1.31 -5.16
CB ILM A 16 6.70 0.51 -5.39
CD1 ILM A 16 7.83 -1.67 -5.02
CE1 ILM A 16 6.07 4.94 -6.17
CG1 ILM A 16 6.60 -0.84 -4.70
CG2 ILM A 16 7.87 1.30 -4.79
HA ILM A 16 5.24 1.43 -4.07
HB ILM A 16 6.86 0.37 -6.47
HD1 ILM A 16 7.57 -2.75 -4.99
HE1 ILM A 16 6.72 4.78 -7.06
HD1A ILM A 16 8.62 -1.46 -4.27
HE1A ILM A 16 5.03 5.14 -6.50
HG1 ILM A 16 5.69 -1.37 -5.06
HD1B ILM A 16 8.21 -1.40 -6.04
HE1B ILM A 16 6.45 5.81 -5.58
HG1A ILM A 16 6.53 -0.69 -3.60
HG2 ILM A 16 8.59 1.54 -5.61
HG2A ILM A 16 7.51 2.23 -4.33
HG2B ILM A 16 8.38 0.67 -4.03
H ILM A 16 4.08 0.63 -6.73
CA GLY A 1 -3.34 -0.25 -1.61
C GLY A 1 -1.99 0.23 -2.11
N LEU A 2 -1.08 0.52 -1.19
CA LEU A 2 0.25 1.00 -1.56
C LEU A 2 1.32 0.36 -0.67
N ARG A 3 2.58 0.67 -0.95
CA ARG A 3 3.69 0.13 -0.17
C ARG A 3 4.65 1.24 0.24
N ARG A 4 5.43 1.73 -0.70
CA ARG A 4 6.39 2.80 -0.43
C ARG A 4 5.69 4.15 -0.34
N LEU A 5 4.96 4.51 -1.39
CA LEU A 5 4.24 5.77 -1.42
C LEU A 5 3.37 5.94 -0.17
N PHE A 6 2.80 4.83 0.30
CA PHE A 6 1.95 4.86 1.48
C PHE A 6 1.50 3.44 1.85
N ALA A 7 0.84 3.33 3.00
CA ALA A 7 0.35 2.03 3.47
C ALA A 7 -1.17 2.03 3.58
N ASN A 8 -1.79 0.97 3.10
CA ASN A 8 -3.24 0.84 3.15
C ASN A 8 -3.70 0.33 4.52
N GLN A 9 -4.80 0.89 5.01
CA GLN A 9 -5.34 0.50 6.30
C GLN A 9 -5.66 -1.00 6.33
N LEU A 10 -6.70 -1.39 5.59
CA LEU A 10 -7.11 -2.78 5.52
C LEU A 10 -6.01 -3.65 4.92
N VAL A 11 -5.73 -3.43 3.64
CA VAL A 11 -4.70 -4.19 2.95
C VAL A 11 -4.32 -3.51 1.63
N GLY A 12 -3.07 -3.71 1.21
CA GLY A 12 -2.61 -3.12 -0.04
C GLY A 12 -1.26 -3.65 -0.46
N ARG A 13 -0.26 -2.76 -0.49
CA ARG A 13 1.10 -3.16 -0.88
C ARG A 13 1.10 -3.78 -2.26
N ARG A 14 0.57 -3.05 -3.24
CA ARG A 14 0.51 -3.53 -4.62
C ARG A 14 1.08 -2.50 -5.58
N ASN A 15 1.92 -1.61 -5.06
CA ASN A 15 2.53 -0.56 -5.87
C ASN A 15 3.67 0.11 -5.11
C ILM A 16 6.16 2.55 -6.06
N ILM A 16 4.65 0.68 -5.89
O ILM A 16 5.85 3.66 -5.68
OXT ILM A 16 6.83 2.66 -7.22
CA ILM A 16 5.78 1.34 -5.25
CB ILM A 16 6.96 0.39 -5.17
CD1 ILM A 16 7.72 -1.83 -4.34
CE1 ILM A 16 7.07 3.92 -7.78
CG1 ILM A 16 6.58 -0.82 -4.33
CG2 ILM A 16 8.14 1.10 -4.54
HA ILM A 16 5.48 1.66 -4.22
HB ILM A 16 7.22 0.05 -6.19
HD1 ILM A 16 7.32 -2.84 -4.12
HE1 ILM A 16 6.11 4.34 -8.16
HD1A ILM A 16 8.47 -1.56 -3.56
HE1A ILM A 16 7.49 4.60 -7.01
HG1 ILM A 16 5.66 -1.29 -4.74
HD1B ILM A 16 8.20 -1.83 -5.34
HE1B ILM A 16 7.79 3.82 -8.62
HG1A ILM A 16 6.39 -0.49 -3.27
HG2 ILM A 16 8.98 1.13 -5.27
HG2A ILM A 16 7.85 2.14 -4.27
HG2B ILM A 16 8.46 0.56 -3.63
H ILM A 16 4.56 0.60 -6.89
#